data_3S04
#
_entry.id   3S04
#
_cell.length_a   72.010
_cell.length_b   72.010
_cell.length_c   262.570
_cell.angle_alpha   90.00
_cell.angle_beta   90.00
_cell.angle_gamma   90.00
#
_symmetry.space_group_name_H-M   'P 43 21 2'
#
loop_
_entity.id
_entity.type
_entity.pdbx_description
1 polymer 'Signal peptidase I'
2 polymer Glyco-Arylomycin
3 non-polymer '14-methylhexadec-9-enoic acid'
4 non-polymer alpha-L-rhamnopyranose
5 water water
#
loop_
_entity_poly.entity_id
_entity_poly.type
_entity_poly.pdbx_seq_one_letter_code
_entity_poly.pdbx_strand_id
1 'polypeptide(L)'
;MIVRSFIYEPFQIPSGSMMPTLLIGDFILVEKFAYGIKDPIYQKTLIETGHPKRGDIVVFKYPEDPKLDYIKRAVGLPGD
KVTYDPVSKELTIQPGCSSGQACENALPVTYSNVEPSDFVQTFSRRNGGEATSGFFEVPKNETKENGIRLSERKETLGDV
THRILTVPIAQDQVGMYYQQPGQQLATWIVPPGQYFMMGDNRDNSADSRYWGFVPEANLVGRATAIWMSFDKQEGEWPTG
LRLSRIGGIH
;
A,B
2 'polypeptide(L)' (DSE)(DAL)G(02V)AY I,J
#
# COMPACT_ATOMS: atom_id res chain seq x y z
N PHE A 6 -31.32 -2.90 22.08
CA PHE A 6 -29.85 -2.93 22.31
C PHE A 6 -29.49 -2.40 23.71
N ILE A 7 -28.65 -3.14 24.41
CA ILE A 7 -28.19 -2.76 25.75
C ILE A 7 -26.82 -2.11 25.64
N TYR A 8 -26.62 -1.03 26.39
CA TYR A 8 -25.41 -0.22 26.30
C TYR A 8 -24.68 -0.10 27.65
N GLU A 9 -23.38 -0.42 27.66
CA GLU A 9 -22.57 -0.33 28.87
C GLU A 9 -21.42 0.67 28.71
N PRO A 10 -21.26 1.59 29.69
CA PRO A 10 -20.16 2.55 29.63
C PRO A 10 -18.85 1.93 30.06
N PHE A 11 -17.75 2.35 29.44
CA PHE A 11 -16.41 1.91 29.80
C PHE A 11 -15.45 3.08 29.74
N GLN A 12 -14.50 3.12 30.68
CA GLN A 12 -13.43 4.11 30.62
C GLN A 12 -12.18 3.49 30.02
N ILE A 13 -11.41 4.32 29.34
CA ILE A 13 -10.18 3.88 28.70
C ILE A 13 -8.97 4.35 29.51
N PRO A 14 -8.36 3.43 30.28
CA PRO A 14 -7.19 3.77 31.11
C PRO A 14 -5.84 3.68 30.40
N SER A 15 -5.76 2.95 29.28
CA SER A 15 -4.49 2.70 28.59
C SER A 15 -4.45 3.30 27.18
N GLY A 16 -3.26 3.30 26.58
CA GLY A 16 -3.05 3.86 25.25
C GLY A 16 -3.06 2.83 24.13
N SER A 17 -3.58 1.63 24.43
CA SER A 17 -3.48 0.50 23.51
C SER A 17 -4.25 0.71 22.20
N MET A 18 -5.18 1.66 22.19
CA MET A 18 -6.00 1.95 21.01
C MET A 18 -5.78 3.35 20.40
N MET A 19 -4.70 4.00 20.80
CA MET A 19 -4.32 5.29 20.19
C MET A 19 -4.04 5.12 18.71
N PRO A 20 -4.44 6.10 17.87
CA PRO A 20 -5.01 7.40 18.22
C PRO A 20 -6.55 7.41 18.22
N THR A 21 -7.15 6.24 18.03
CA THR A 21 -8.58 6.11 17.87
C THR A 21 -9.28 6.36 19.20
N LEU A 22 -8.65 5.87 20.27
CA LEU A 22 -9.14 6.05 21.62
C LEU A 22 -7.99 6.47 22.49
N LEU A 23 -8.15 7.59 23.19
CA LEU A 23 -7.11 8.11 24.06
C LEU A 23 -7.40 7.79 25.52
N ILE A 24 -6.34 7.79 26.33
CA ILE A 24 -6.45 7.66 27.78
C ILE A 24 -7.36 8.78 28.30
N GLY A 25 -8.39 8.42 29.05
CA GLY A 25 -9.34 9.41 29.57
C GLY A 25 -10.69 9.44 28.87
N ASP A 26 -10.81 8.65 27.81
CA ASP A 26 -12.08 8.53 27.11
C ASP A 26 -13.02 7.63 27.87
N PHE A 27 -14.28 8.04 27.90
CA PHE A 27 -15.37 7.21 28.38
C PHE A 27 -16.18 6.84 27.16
N ILE A 28 -16.29 5.55 26.92
CA ILE A 28 -16.98 5.06 25.75
C ILE A 28 -18.28 4.36 26.11
N LEU A 29 -19.14 4.19 25.11
CA LEU A 29 -20.33 3.37 25.22
C LEU A 29 -20.12 2.13 24.39
N VAL A 30 -20.47 0.98 24.96
CA VAL A 30 -20.37 -0.28 24.23
C VAL A 30 -21.77 -0.89 24.00
N GLU A 31 -22.04 -1.24 22.73
CA GLU A 31 -23.28 -1.90 22.35
C GLU A 31 -23.09 -3.42 22.43
N LYS A 32 -23.79 -4.05 23.37
CA LYS A 32 -23.66 -5.49 23.60
C LYS A 32 -24.27 -6.31 22.48
N PHE A 33 -23.64 -7.44 22.15
CA PHE A 33 -24.08 -8.31 21.05
C PHE A 33 -25.42 -9.03 21.30
N ALA A 34 -25.91 -9.73 20.28
CA ALA A 34 -27.17 -10.49 20.36
C ALA A 34 -27.03 -11.92 19.84
N HIS A 51 -22.76 -10.60 16.25
CA HIS A 51 -21.39 -10.94 15.84
C HIS A 51 -20.58 -9.71 15.36
N PRO A 52 -19.29 -9.67 15.71
CA PRO A 52 -18.45 -8.57 15.23
C PRO A 52 -17.96 -8.81 13.81
N LYS A 53 -17.94 -7.74 13.03
CA LYS A 53 -17.41 -7.74 11.68
C LYS A 53 -15.93 -7.42 11.77
N ARG A 54 -15.19 -7.66 10.68
CA ARG A 54 -13.78 -7.34 10.67
C ARG A 54 -13.59 -5.83 10.85
N GLY A 55 -12.66 -5.45 11.71
CA GLY A 55 -12.35 -4.05 11.96
C GLY A 55 -13.13 -3.45 13.13
N ASP A 56 -14.08 -4.20 13.68
CA ASP A 56 -14.85 -3.74 14.82
C ASP A 56 -13.98 -3.54 16.06
N ILE A 57 -14.23 -2.43 16.74
CA ILE A 57 -13.64 -2.21 18.03
C ILE A 57 -14.49 -3.00 19.01
N VAL A 58 -13.88 -4.00 19.64
CA VAL A 58 -14.63 -4.94 20.46
C VAL A 58 -14.09 -4.97 21.88
N VAL A 59 -14.99 -4.88 22.84
CA VAL A 59 -14.67 -5.10 24.24
C VAL A 59 -14.99 -6.56 24.57
N PHE A 60 -14.12 -7.19 25.34
CA PHE A 60 -14.27 -8.61 25.68
C PHE A 60 -13.61 -8.96 27.01
N LYS A 61 -14.05 -10.08 27.58
CA LYS A 61 -13.46 -10.64 28.80
C LYS A 61 -12.12 -11.30 28.47
N TYR A 62 -11.08 -10.83 29.15
CA TYR A 62 -9.72 -11.31 28.95
C TYR A 62 -9.62 -12.82 29.21
N PRO A 63 -9.15 -13.60 28.22
CA PRO A 63 -9.21 -15.07 28.31
C PRO A 63 -8.48 -15.66 29.52
N GLU A 64 -7.22 -15.28 29.73
CA GLU A 64 -6.41 -15.75 30.85
C GLU A 64 -7.02 -15.37 32.20
N ASP A 65 -7.67 -14.21 32.25
CA ASP A 65 -8.34 -13.73 33.46
C ASP A 65 -9.64 -13.02 33.09
N PRO A 66 -10.75 -13.78 32.99
CA PRO A 66 -12.06 -13.23 32.54
C PRO A 66 -12.65 -12.17 33.47
N LYS A 67 -12.06 -11.98 34.64
CA LYS A 67 -12.41 -10.87 35.54
C LYS A 67 -11.99 -9.51 35.02
N LEU A 68 -11.18 -9.47 33.97
CA LEU A 68 -10.70 -8.21 33.38
C LEU A 68 -11.24 -7.99 31.98
N ASP A 69 -11.59 -6.75 31.67
CA ASP A 69 -12.11 -6.39 30.35
C ASP A 69 -11.06 -5.72 29.47
N TYR A 70 -10.96 -6.20 28.23
CA TYR A 70 -10.02 -5.66 27.23
C TYR A 70 -10.75 -5.06 26.04
N ILE A 71 -10.14 -4.04 25.43
CA ILE A 71 -10.68 -3.44 24.21
C ILE A 71 -9.65 -3.40 23.09
N LYS A 72 -9.92 -4.14 22.01
CA LYS A 72 -9.06 -4.22 20.85
C LYS A 72 -9.84 -4.24 19.55
N ARG A 73 -9.16 -4.23 18.43
CA ARG A 73 -9.82 -4.29 17.14
C ARG A 73 -9.88 -5.74 16.65
N ALA A 74 -11.08 -6.18 16.30
CA ALA A 74 -11.27 -7.54 15.75
C ALA A 74 -10.67 -7.58 14.35
N VAL A 75 -9.45 -8.07 14.28
CA VAL A 75 -8.68 -8.01 13.06
C VAL A 75 -8.78 -9.33 12.30
N GLY A 76 -8.95 -10.43 13.04
CA GLY A 76 -9.12 -11.74 12.45
C GLY A 76 -10.42 -12.39 12.84
N LEU A 77 -11.12 -12.91 11.84
CA LEU A 77 -12.40 -13.60 12.01
C LEU A 77 -12.23 -15.11 11.92
N PRO A 78 -13.19 -15.88 12.48
CA PRO A 78 -13.12 -17.33 12.37
C PRO A 78 -12.76 -17.78 10.95
N GLY A 79 -11.69 -18.56 10.84
CA GLY A 79 -11.22 -19.04 9.54
C GLY A 79 -10.15 -18.23 8.84
N ASP A 80 -9.72 -17.11 9.44
CA ASP A 80 -8.72 -16.24 8.81
C ASP A 80 -7.28 -16.72 8.99
N LYS A 81 -6.52 -16.74 7.90
CA LYS A 81 -5.07 -16.83 7.98
C LYS A 81 -4.46 -15.43 8.21
N VAL A 82 -4.00 -15.19 9.42
CA VAL A 82 -3.44 -13.89 9.79
C VAL A 82 -1.91 -13.96 9.81
N THR A 83 -1.27 -13.09 9.05
CA THR A 83 0.20 -12.96 9.05
C THR A 83 0.63 -11.53 9.36
N TYR A 84 1.52 -11.37 10.33
CA TYR A 84 2.03 -10.05 10.70
C TYR A 84 3.54 -9.93 10.45
N ASP A 85 3.91 -9.01 9.58
CA ASP A 85 5.31 -8.72 9.33
C ASP A 85 5.77 -7.70 10.36
N PRO A 86 6.65 -8.11 11.30
CA PRO A 86 7.04 -7.26 12.40
C PRO A 86 7.99 -6.15 11.98
N VAL A 87 8.61 -6.32 10.81
CA VAL A 87 9.52 -5.30 10.28
C VAL A 87 8.71 -4.13 9.72
N SER A 88 7.85 -4.43 8.76
CA SER A 88 6.99 -3.42 8.12
C SER A 88 5.75 -3.08 8.93
N LYS A 89 5.46 -3.91 9.94
CA LYS A 89 4.31 -3.71 10.84
C LYS A 89 3.01 -3.66 10.03
N GLU A 90 2.90 -4.59 9.09
CA GLU A 90 1.76 -4.69 8.20
C GLU A 90 1.16 -6.09 8.27
N LEU A 91 -0.15 -6.15 8.13
CA LEU A 91 -0.89 -7.41 8.17
C LEU A 91 -1.21 -7.94 6.77
N THR A 92 -1.31 -9.27 6.69
CA THR A 92 -1.81 -9.98 5.51
C THR A 92 -2.90 -10.92 5.98
N ILE A 93 -4.07 -10.85 5.34
CA ILE A 93 -5.21 -11.68 5.73
C ILE A 93 -5.75 -12.52 4.56
N GLN A 94 -5.89 -13.82 4.81
CA GLN A 94 -6.50 -14.75 3.85
C GLN A 94 -7.72 -15.40 4.50
N PRO A 95 -8.93 -14.97 4.11
CA PRO A 95 -10.16 -15.39 4.78
C PRO A 95 -10.61 -16.81 4.41
N GLY A 96 -11.42 -17.41 5.27
CA GLY A 96 -12.05 -18.70 5.03
C GLY A 96 -11.12 -19.85 4.71
N CYS A 97 -9.91 -19.81 5.25
CA CYS A 97 -8.88 -20.81 4.95
C CYS A 97 -8.47 -21.60 6.20
N SER A 98 -8.88 -22.86 6.26
CA SER A 98 -8.57 -23.75 7.39
C SER A 98 -7.95 -25.07 6.93
N ALA A 102 -2.19 -23.94 1.39
CA ALA A 102 -3.00 -23.99 0.14
C ALA A 102 -4.29 -23.19 0.29
N CYS A 103 -4.17 -21.93 0.72
CA CYS A 103 -5.31 -21.03 0.91
C CYS A 103 -5.98 -20.63 -0.39
N GLU A 104 -7.26 -20.25 -0.30
CA GLU A 104 -8.05 -19.93 -1.49
C GLU A 104 -7.93 -18.48 -1.97
N ASN A 105 -8.20 -17.51 -1.09
CA ASN A 105 -8.09 -16.12 -1.52
CA ASN A 105 -8.27 -16.10 -1.45
C ASN A 105 -7.56 -15.16 -0.47
N ALA A 106 -7.29 -13.92 -0.92
CA ALA A 106 -6.63 -12.88 -0.11
C ALA A 106 -7.51 -11.64 0.06
N LEU A 107 -7.56 -11.14 1.29
CA LEU A 107 -8.36 -9.98 1.63
C LEU A 107 -7.65 -8.68 1.23
N PRO A 108 -8.36 -7.79 0.51
CA PRO A 108 -7.73 -6.51 0.13
C PRO A 108 -7.34 -5.67 1.34
N VAL A 109 -6.05 -5.48 1.54
CA VAL A 109 -5.52 -4.69 2.65
C VAL A 109 -4.55 -3.64 2.13
N THR A 110 -4.74 -2.40 2.55
CA THR A 110 -3.92 -1.29 2.07
C THR A 110 -3.35 -0.43 3.21
N TYR A 111 -2.20 0.18 2.94
CA TYR A 111 -1.53 1.02 3.93
C TYR A 111 -1.13 2.36 3.31
N SER A 112 -1.37 3.44 4.05
CA SER A 112 -1.04 4.78 3.58
C SER A 112 0.39 5.18 3.96
N ASN A 113 0.85 6.31 3.44
CA ASN A 113 2.16 6.84 3.76
C ASN A 113 2.30 7.09 5.26
N VAL A 114 3.42 6.64 5.82
CA VAL A 114 3.76 6.90 7.21
C VAL A 114 4.05 8.40 7.39
N GLU A 115 3.47 8.99 8.43
CA GLU A 115 3.65 10.41 8.72
CA GLU A 115 3.66 10.42 8.71
C GLU A 115 3.69 10.66 10.23
N PRO A 116 4.35 11.76 10.68
CA PRO A 116 4.38 11.96 12.13
C PRO A 116 2.99 12.07 12.76
N SER A 117 2.83 11.44 13.92
CA SER A 117 1.57 11.53 14.65
C SER A 117 1.57 12.79 15.50
N ASP A 118 0.45 13.02 16.19
CA ASP A 118 0.35 14.12 17.13
C ASP A 118 1.01 13.80 18.47
N PHE A 119 1.45 12.54 18.61
CA PHE A 119 1.89 12.01 19.90
C PHE A 119 3.38 11.72 19.98
N VAL A 120 3.93 11.98 21.17
CA VAL A 120 5.28 11.57 21.52
C VAL A 120 5.18 10.65 22.74
N GLN A 121 5.93 9.56 22.70
CA GLN A 121 6.00 8.61 23.80
C GLN A 121 7.35 8.80 24.46
N THR A 122 7.37 8.85 25.78
CA THR A 122 8.61 9.00 26.54
C THR A 122 9.14 7.64 26.97
N PHE A 123 10.46 7.54 27.14
CA PHE A 123 11.10 6.31 27.61
C PHE A 123 12.16 6.59 28.69
N THR A 132 10.38 4.65 32.41
CA THR A 132 9.17 3.96 31.90
C THR A 132 8.52 4.76 30.77
N SER A 133 7.21 4.61 30.57
CA SER A 133 6.53 5.22 29.42
C SER A 133 5.26 6.02 29.70
N GLY A 134 5.03 7.04 28.88
CA GLY A 134 3.87 7.91 28.96
C GLY A 134 3.63 8.60 27.62
N PHE A 135 2.41 9.06 27.39
CA PHE A 135 2.05 9.67 26.12
C PHE A 135 1.73 11.16 26.25
N PHE A 136 2.21 11.93 25.28
CA PHE A 136 2.00 13.37 25.28
C PHE A 136 1.64 13.85 23.89
N GLU A 137 0.73 14.82 23.84
CA GLU A 137 0.32 15.41 22.57
C GLU A 137 1.19 16.63 22.32
N VAL A 138 2.21 16.47 21.49
CA VAL A 138 3.17 17.54 21.17
C VAL A 138 2.96 18.01 19.73
N PRO A 139 3.00 19.33 19.49
CA PRO A 139 2.93 19.90 18.14
C PRO A 139 3.99 19.29 17.23
N LYS A 140 3.59 18.95 16.01
CA LYS A 140 4.45 18.24 15.06
C LYS A 140 5.74 18.97 14.73
N ASN A 141 5.73 20.30 14.90
CA ASN A 141 6.93 21.13 14.74
C ASN A 141 7.84 21.19 15.98
N GLU A 142 7.29 20.77 17.13
CA GLU A 142 8.04 20.74 18.39
C GLU A 142 8.64 19.36 18.69
N THR A 143 9.50 19.31 19.71
CA THR A 143 10.14 18.09 20.16
C THR A 143 10.16 17.99 21.68
N LYS A 144 9.90 16.79 22.20
CA LYS A 144 9.99 16.54 23.64
C LYS A 144 11.25 15.75 23.99
N GLU A 145 12.05 16.31 24.89
CA GLU A 145 13.26 15.64 25.38
C GLU A 145 12.93 14.30 26.03
N ASN A 146 13.82 13.33 25.85
CA ASN A 146 13.65 11.97 26.38
C ASN A 146 12.42 11.28 25.80
N GLY A 147 11.98 11.76 24.64
CA GLY A 147 10.79 11.24 23.97
C GLY A 147 11.04 10.84 22.51
N ILE A 148 10.17 9.99 21.99
CA ILE A 148 10.20 9.62 20.57
C ILE A 148 8.85 9.93 19.94
N ARG A 149 8.91 10.55 18.76
CA ARG A 149 7.71 10.88 17.99
C ARG A 149 7.12 9.62 17.38
N LEU A 150 5.84 9.39 17.62
CA LEU A 150 5.18 8.23 17.06
C LEU A 150 4.78 8.48 15.61
N SER A 151 4.78 7.41 14.82
CA SER A 151 4.35 7.48 13.44
C SER A 151 2.88 7.10 13.32
N GLU A 152 2.23 7.64 12.30
CA GLU A 152 0.82 7.41 12.07
C GLU A 152 0.57 7.00 10.62
N ARG A 153 -0.31 6.03 10.45
CA ARG A 153 -0.78 5.66 9.11
C ARG A 153 -2.19 5.07 9.17
N LYS A 154 -2.78 4.95 7.98
CA LYS A 154 -4.12 4.40 7.83
C LYS A 154 -4.03 2.98 7.30
N GLU A 155 -4.64 2.06 8.05
CA GLU A 155 -4.76 0.66 7.67
C GLU A 155 -6.19 0.38 7.20
N THR A 156 -6.32 -0.18 6.00
CA THR A 156 -7.63 -0.57 5.48
C THR A 156 -7.75 -2.09 5.41
N LEU A 157 -8.75 -2.64 6.11
CA LEU A 157 -9.00 -4.08 6.10
C LEU A 157 -10.34 -4.34 5.42
N GLY A 158 -10.27 -4.71 4.14
CA GLY A 158 -11.46 -4.81 3.30
C GLY A 158 -12.18 -3.48 3.18
N ASP A 159 -13.28 -3.35 3.90
CA ASP A 159 -14.20 -2.20 3.80
C ASP A 159 -13.92 -1.06 4.79
N VAL A 160 -13.12 -1.33 5.82
CA VAL A 160 -12.97 -0.40 6.93
C VAL A 160 -11.54 0.13 7.08
N THR A 161 -11.45 1.45 7.20
CA THR A 161 -10.21 2.17 7.37
C THR A 161 -10.12 2.74 8.80
N HIS A 162 -8.93 2.67 9.38
CA HIS A 162 -8.67 3.27 10.69
C HIS A 162 -7.19 3.60 10.75
N ARG A 163 -6.81 4.39 11.76
CA ARG A 163 -5.43 4.76 11.97
C ARG A 163 -4.75 3.76 12.89
N ILE A 164 -3.43 3.59 12.70
CA ILE A 164 -2.56 2.92 13.66
C ILE A 164 -1.38 3.81 14.02
N LEU A 165 -0.79 3.58 15.19
CA LEU A 165 0.44 4.26 15.56
C LEU A 165 1.55 3.24 15.68
N THR A 166 2.76 3.64 15.29
CA THR A 166 3.94 2.79 15.44
C THR A 166 5.11 3.55 16.03
N VAL A 167 5.87 2.87 16.88
CA VAL A 167 7.07 3.40 17.50
C VAL A 167 8.24 3.07 16.58
N PRO A 168 8.89 4.10 16.00
CA PRO A 168 9.98 3.87 15.03
C PRO A 168 11.18 3.08 15.57
N ILE A 169 11.41 3.12 16.88
CA ILE A 169 12.53 2.39 17.50
C ILE A 169 12.11 1.03 18.07
N ALA A 170 10.83 0.70 17.97
CA ALA A 170 10.31 -0.56 18.48
C ALA A 170 10.17 -1.59 17.36
N GLN A 171 10.27 -2.86 17.73
CA GLN A 171 9.95 -3.97 16.81
C GLN A 171 9.67 -5.21 17.63
N ASP A 172 8.55 -5.87 17.36
CA ASP A 172 8.17 -7.07 18.09
C ASP A 172 9.27 -8.13 18.12
N GLN A 173 9.42 -8.77 19.27
CA GLN A 173 10.24 -9.96 19.38
C GLN A 173 9.34 -11.15 19.13
N VAL A 174 9.30 -11.55 17.87
CA VAL A 174 8.47 -12.64 17.37
C VAL A 174 8.51 -13.86 18.30
N GLY A 175 9.66 -14.10 18.91
CA GLY A 175 9.85 -15.19 19.87
C GLY A 175 8.97 -15.09 21.11
N MET A 176 8.47 -13.90 21.39
CA MET A 176 7.57 -13.71 22.52
C MET A 176 6.11 -13.91 22.14
N TYR A 177 5.83 -14.05 20.83
CA TYR A 177 4.44 -14.25 20.36
C TYR A 177 3.83 -15.54 20.89
N TYR A 178 2.51 -15.58 20.96
CA TYR A 178 1.78 -16.82 21.08
C TYR A 178 1.97 -17.56 19.77
N GLN A 179 2.45 -18.80 19.86
CA GLN A 179 2.59 -19.63 18.69
C GLN A 179 1.53 -20.71 18.67
N GLN A 180 0.74 -20.72 17.60
CA GLN A 180 -0.32 -21.71 17.42
C GLN A 180 0.33 -23.03 17.01
N PRO A 181 0.02 -24.11 17.75
CA PRO A 181 0.55 -25.43 17.44
C PRO A 181 0.30 -25.78 15.97
N GLY A 182 1.36 -26.15 15.26
CA GLY A 182 1.29 -26.48 13.85
C GLY A 182 1.58 -25.30 12.93
N GLN A 183 1.60 -24.10 13.50
CA GLN A 183 1.84 -22.89 12.71
C GLN A 183 3.23 -22.31 12.92
N GLN A 184 3.72 -21.61 11.89
CA GLN A 184 4.99 -20.92 11.94
C GLN A 184 4.88 -19.67 12.80
N LEU A 185 5.99 -19.04 13.15
CA LEU A 185 5.96 -17.84 13.97
C LEU A 185 5.39 -16.63 13.23
N ALA A 186 4.52 -15.89 13.90
CA ALA A 186 3.85 -14.70 13.35
C ALA A 186 2.74 -14.99 12.32
N THR A 187 2.32 -16.24 12.20
CA THR A 187 1.17 -16.61 11.38
C THR A 187 0.16 -17.39 12.23
N TRP A 188 -1.11 -16.98 12.18
CA TRP A 188 -2.17 -17.63 12.96
C TRP A 188 -3.42 -17.94 12.10
N ILE A 189 -3.93 -19.16 12.24
CA ILE A 189 -5.20 -19.54 11.63
C ILE A 189 -6.30 -19.50 12.69
N VAL A 190 -7.17 -18.50 12.58
CA VAL A 190 -8.22 -18.26 13.56
C VAL A 190 -9.23 -19.41 13.61
N PRO A 191 -9.28 -20.16 14.73
CA PRO A 191 -10.21 -21.28 14.87
C PRO A 191 -11.67 -20.81 14.80
N PRO A 192 -12.59 -21.71 14.42
CA PRO A 192 -14.01 -21.33 14.35
C PRO A 192 -14.54 -20.84 15.70
N GLY A 193 -15.36 -19.79 15.67
CA GLY A 193 -15.96 -19.22 16.87
C GLY A 193 -15.02 -18.37 17.72
N GLN A 194 -13.85 -18.04 17.19
CA GLN A 194 -12.85 -17.25 17.92
C GLN A 194 -12.34 -16.06 17.10
N TYR A 195 -11.60 -15.15 17.74
CA TYR A 195 -11.17 -13.92 17.07
C TYR A 195 -9.73 -13.51 17.36
N PHE A 196 -9.12 -12.82 16.41
CA PHE A 196 -7.78 -12.23 16.59
C PHE A 196 -7.88 -10.74 16.85
N MET A 197 -7.49 -10.33 18.05
CA MET A 197 -7.55 -8.94 18.48
C MET A 197 -6.20 -8.25 18.36
N MET A 198 -6.20 -7.02 17.85
CA MET A 198 -4.99 -6.20 17.83
C MET A 198 -5.31 -4.75 18.16
N GLY A 199 -4.44 -4.12 18.96
CA GLY A 199 -4.60 -2.70 19.30
C GLY A 199 -4.13 -1.77 18.20
N ASP A 200 -4.66 -0.55 18.19
CA ASP A 200 -4.26 0.44 17.19
C ASP A 200 -2.89 1.04 17.50
N ASN A 201 -2.56 1.14 18.79
CA ASN A 201 -1.21 1.49 19.21
C ASN A 201 -0.33 0.24 19.11
N ARG A 202 0.08 -0.06 17.88
CA ARG A 202 0.62 -1.37 17.53
C ARG A 202 1.80 -1.88 18.35
N ASP A 203 2.72 -0.98 18.72
CA ASP A 203 3.90 -1.36 19.50
C ASP A 203 3.64 -1.21 20.99
N ASN A 204 2.43 -0.83 21.35
CA ASN A 204 2.04 -0.64 22.75
C ASN A 204 0.70 -1.30 23.06
N SER A 205 0.55 -2.56 22.67
CA SER A 205 -0.72 -3.27 22.82
C SER A 205 -0.50 -4.76 23.11
N ALA A 206 -0.83 -5.17 24.33
CA ALA A 206 -0.80 -6.57 24.69
C ALA A 206 -2.06 -7.25 24.12
N ASP A 207 -1.92 -7.85 22.93
CA ASP A 207 -3.06 -8.40 22.22
C ASP A 207 -2.86 -9.85 21.76
N SER A 208 -3.68 -10.29 20.81
CA SER A 208 -3.66 -11.67 20.33
C SER A 208 -2.29 -12.18 19.88
N ARG A 209 -1.42 -11.26 19.48
CA ARG A 209 -0.04 -11.60 19.15
C ARG A 209 0.63 -12.34 20.30
N TYR A 210 0.34 -11.95 21.54
CA TYR A 210 1.04 -12.51 22.69
C TYR A 210 0.25 -13.53 23.49
N TRP A 211 -1.07 -13.33 23.58
CA TRP A 211 -1.91 -14.19 24.42
C TRP A 211 -3.01 -15.01 23.70
N GLY A 212 -2.93 -15.07 22.38
CA GLY A 212 -3.78 -15.96 21.59
C GLY A 212 -5.13 -15.39 21.21
N PHE A 213 -6.09 -16.28 20.95
CA PHE A 213 -7.40 -15.90 20.41
C PHE A 213 -8.43 -15.54 21.49
N VAL A 214 -9.44 -14.77 21.10
CA VAL A 214 -10.58 -14.45 21.97
C VAL A 214 -11.80 -15.26 21.55
N PRO A 215 -12.26 -16.16 22.44
CA PRO A 215 -13.47 -16.97 22.16
C PRO A 215 -14.75 -16.17 22.18
N GLU A 216 -15.71 -16.61 21.35
CA GLU A 216 -17.03 -16.00 21.23
C GLU A 216 -17.65 -15.65 22.58
N ALA A 217 -17.63 -16.62 23.50
CA ALA A 217 -18.20 -16.46 24.85
C ALA A 217 -17.67 -15.23 25.57
N ASN A 218 -16.44 -14.83 25.25
CA ASN A 218 -15.79 -13.74 25.94
C ASN A 218 -16.19 -12.34 25.46
N LEU A 219 -16.83 -12.27 24.29
CA LEU A 219 -17.23 -10.99 23.70
C LEU A 219 -18.27 -10.27 24.55
N VAL A 220 -18.01 -8.99 24.82
CA VAL A 220 -18.93 -8.17 25.59
C VAL A 220 -19.80 -7.36 24.66
N GLY A 221 -19.16 -6.62 23.75
CA GLY A 221 -19.87 -5.81 22.76
C GLY A 221 -18.98 -4.94 21.91
N ARG A 222 -19.62 -4.18 21.02
CA ARG A 222 -18.93 -3.28 20.09
C ARG A 222 -18.96 -1.83 20.57
N ALA A 223 -17.82 -1.15 20.47
CA ALA A 223 -17.71 0.25 20.84
C ALA A 223 -18.39 1.13 19.79
N THR A 224 -19.28 2.01 20.24
CA THR A 224 -20.06 2.85 19.33
C THR A 224 -19.77 4.34 19.43
N ALA A 225 -19.61 4.85 20.65
CA ALA A 225 -19.47 6.28 20.86
C ALA A 225 -18.54 6.64 21.99
N ILE A 226 -18.08 7.90 21.97
CA ILE A 226 -17.44 8.50 23.12
C ILE A 226 -18.44 9.41 23.82
N TRP A 227 -18.87 8.98 25.02
CA TRP A 227 -19.80 9.85 25.73
CA TRP A 227 -19.73 9.68 26.00
C TRP A 227 -19.14 11.01 26.46
N MET A 228 -17.90 10.85 26.93
CA MET A 228 -17.19 11.85 27.72
C MET A 228 -15.69 11.60 27.59
N SER A 229 -14.89 12.66 27.73
CA SER A 229 -13.45 12.54 27.66
C SER A 229 -12.75 13.49 28.63
N PHE A 230 -12.00 12.91 29.57
CA PHE A 230 -11.20 13.68 30.52
C PHE A 230 -9.74 13.76 30.07
N ASP A 231 -9.06 14.83 30.48
CA ASP A 231 -7.63 14.96 30.22
C ASP A 231 -6.78 14.56 31.43
N LEU A 241 -10.98 18.25 30.47
CA LEU A 241 -12.19 17.96 29.64
C LEU A 241 -11.91 18.11 28.15
N ARG A 242 -12.07 17.03 27.39
CA ARG A 242 -11.89 17.06 25.94
C ARG A 242 -13.23 16.83 25.24
N LEU A 243 -14.08 17.86 25.29
CA LEU A 243 -15.44 17.78 24.75
C LEU A 243 -15.47 17.56 23.25
N SER A 244 -14.40 17.93 22.57
CA SER A 244 -14.26 17.76 21.12
C SER A 244 -14.24 16.31 20.69
N ARG A 245 -13.93 15.42 21.63
CA ARG A 245 -13.85 13.98 21.37
C ARG A 245 -15.23 13.31 21.42
N ILE A 246 -16.17 13.91 22.14
CA ILE A 246 -17.53 13.37 22.25
C ILE A 246 -18.17 13.24 20.87
N GLY A 247 -18.63 12.03 20.56
CA GLY A 247 -19.23 11.74 19.27
C GLY A 247 -18.93 10.32 18.82
N GLY A 248 -18.81 10.14 17.51
CA GLY A 248 -18.52 8.82 16.95
C GLY A 248 -17.05 8.46 17.06
N ILE A 249 -16.75 7.19 16.79
CA ILE A 249 -15.38 6.69 16.80
C ILE A 249 -14.83 6.67 15.38
N HIS A 250 -13.75 7.39 15.16
CA HIS A 250 -13.14 7.49 13.83
C HIS A 250 -11.72 6.95 13.89
N PHE B 6 -9.36 19.52 -29.77
CA PHE B 6 -8.13 18.71 -29.54
C PHE B 6 -7.65 17.97 -30.79
N ILE B 7 -6.38 17.58 -30.79
CA ILE B 7 -5.81 16.79 -31.88
C ILE B 7 -5.22 15.47 -31.34
N TYR B 8 -5.65 14.36 -31.94
CA TYR B 8 -5.34 13.02 -31.44
C TYR B 8 -4.35 12.29 -32.34
N GLU B 9 -3.51 11.45 -31.72
CA GLU B 9 -2.47 10.73 -32.43
C GLU B 9 -2.41 9.25 -31.98
N PRO B 10 -2.31 8.32 -32.94
CA PRO B 10 -2.15 6.91 -32.59
C PRO B 10 -0.71 6.60 -32.20
N PHE B 11 -0.56 5.68 -31.26
CA PHE B 11 0.76 5.19 -30.86
C PHE B 11 0.74 3.69 -30.62
N GLN B 12 1.89 3.07 -30.86
CA GLN B 12 2.08 1.65 -30.73
C GLN B 12 2.86 1.38 -29.44
N ILE B 13 2.54 0.29 -28.78
CA ILE B 13 3.25 -0.08 -27.55
C ILE B 13 4.14 -1.31 -27.80
N PRO B 14 5.45 -1.09 -27.95
CA PRO B 14 6.35 -2.18 -28.25
C PRO B 14 6.95 -2.85 -27.02
N SER B 15 7.16 -2.11 -25.94
CA SER B 15 7.76 -2.64 -24.71
C SER B 15 6.71 -2.90 -23.65
N GLY B 16 7.11 -3.56 -22.57
CA GLY B 16 6.20 -3.89 -21.48
C GLY B 16 6.45 -3.03 -20.25
N SER B 17 6.99 -1.83 -20.47
CA SER B 17 7.40 -0.94 -19.39
C SER B 17 6.23 -0.34 -18.64
N MET B 18 5.05 -0.37 -19.26
CA MET B 18 3.82 0.11 -18.65
C MET B 18 2.81 -1.01 -18.29
N MET B 19 3.25 -2.27 -18.30
CA MET B 19 2.38 -3.37 -17.83
C MET B 19 2.01 -3.17 -16.34
N PRO B 20 0.81 -3.64 -15.92
CA PRO B 20 -0.21 -4.36 -16.69
C PRO B 20 -1.20 -3.43 -17.37
N THR B 21 -1.00 -2.13 -17.18
CA THR B 21 -1.90 -1.10 -17.66
C THR B 21 -1.94 -1.11 -19.17
N LEU B 22 -0.76 -1.13 -19.77
CA LEU B 22 -0.61 -1.17 -21.22
C LEU B 22 0.23 -2.37 -21.59
N LEU B 23 -0.20 -3.15 -22.57
CA LEU B 23 0.54 -4.36 -22.95
C LEU B 23 1.24 -4.23 -24.31
N ILE B 24 2.26 -5.06 -24.54
CA ILE B 24 2.91 -5.14 -25.83
C ILE B 24 1.85 -5.53 -26.86
N GLY B 25 1.74 -4.74 -27.93
CA GLY B 25 0.76 -4.99 -28.98
C GLY B 25 -0.45 -4.08 -28.90
N ASP B 26 -0.54 -3.30 -27.82
CA ASP B 26 -1.56 -2.27 -27.71
C ASP B 26 -1.29 -1.15 -28.69
N PHE B 27 -2.38 -0.58 -29.20
CA PHE B 27 -2.37 0.60 -30.03
C PHE B 27 -3.23 1.62 -29.30
N ILE B 28 -2.62 2.73 -28.93
CA ILE B 28 -3.31 3.74 -28.13
C ILE B 28 -3.58 5.01 -28.92
N LEU B 29 -4.50 5.82 -28.39
CA LEU B 29 -4.72 7.16 -28.85
C LEU B 29 -4.21 8.15 -27.81
N VAL B 30 -3.47 9.15 -28.28
CA VAL B 30 -2.97 10.21 -27.40
C VAL B 30 -3.66 11.54 -27.70
N GLU B 31 -4.18 12.16 -26.65
CA GLU B 31 -4.68 13.52 -26.71
C GLU B 31 -3.53 14.50 -26.43
N LYS B 32 -3.14 15.28 -27.45
CA LYS B 32 -2.03 16.22 -27.31
C LYS B 32 -2.32 17.32 -26.30
N PHE B 33 -1.29 17.78 -25.60
CA PHE B 33 -1.48 18.82 -24.59
C PHE B 33 -1.85 20.17 -25.17
N ALA B 34 -1.44 20.42 -26.42
CA ALA B 34 -1.62 21.75 -27.04
C ALA B 34 -3.07 22.11 -27.37
N THR B 49 -3.77 23.67 -24.50
CA THR B 49 -2.41 23.94 -24.04
C THR B 49 -2.23 23.73 -22.52
N GLY B 50 -2.69 22.58 -22.04
CA GLY B 50 -2.68 22.25 -20.61
C GLY B 50 -1.57 21.32 -20.14
N HIS B 51 -1.51 21.11 -18.83
CA HIS B 51 -0.44 20.34 -18.20
C HIS B 51 -0.95 19.01 -17.69
N PRO B 52 -0.06 18.02 -17.53
CA PRO B 52 -0.47 16.74 -16.97
C PRO B 52 -0.81 16.84 -15.48
N LYS B 53 -1.77 16.03 -15.06
CA LYS B 53 -2.12 15.90 -13.65
C LYS B 53 -1.33 14.73 -13.08
N ARG B 54 -1.10 14.75 -11.77
CA ARG B 54 -0.35 13.67 -11.13
C ARG B 54 -1.00 12.33 -11.46
N GLY B 55 -0.21 11.39 -11.97
CA GLY B 55 -0.68 10.06 -12.32
C GLY B 55 -1.15 9.87 -13.75
N ASP B 56 -1.12 10.92 -14.56
CA ASP B 56 -1.47 10.81 -15.98
C ASP B 56 -0.47 9.94 -16.76
N ILE B 57 -0.98 9.12 -17.67
CA ILE B 57 -0.11 8.39 -18.58
C ILE B 57 0.28 9.33 -19.70
N VAL B 58 1.57 9.64 -19.77
CA VAL B 58 2.06 10.71 -20.64
C VAL B 58 3.02 10.19 -21.69
N VAL B 59 2.81 10.64 -22.92
CA VAL B 59 3.75 10.41 -24.01
C VAL B 59 4.60 11.66 -24.13
N PHE B 60 5.91 11.47 -24.32
CA PHE B 60 6.85 12.59 -24.37
C PHE B 60 8.07 12.26 -25.20
N LYS B 61 8.72 13.30 -25.71
CA LYS B 61 10.00 13.15 -26.40
C LYS B 61 11.10 12.88 -25.37
N TYR B 62 11.81 11.77 -25.57
CA TYR B 62 12.85 11.31 -24.65
C TYR B 62 13.96 12.37 -24.45
N PRO B 63 14.10 12.90 -23.21
CA PRO B 63 15.05 13.99 -22.98
C PRO B 63 16.42 13.79 -23.62
N GLU B 64 17.05 12.63 -23.40
CA GLU B 64 18.40 12.38 -23.92
C GLU B 64 18.44 12.27 -25.43
N ASP B 65 17.35 11.80 -26.03
CA ASP B 65 17.22 11.70 -27.48
C ASP B 65 15.77 11.94 -27.92
N PRO B 66 15.40 13.22 -28.14
CA PRO B 66 14.03 13.63 -28.46
C PRO B 66 13.53 13.09 -29.80
N LYS B 67 14.39 12.34 -30.49
CA LYS B 67 14.03 11.66 -31.73
C LYS B 67 13.14 10.45 -31.41
N LEU B 68 13.15 10.04 -30.15
CA LEU B 68 12.33 8.93 -29.70
C LEU B 68 11.19 9.42 -28.81
N ASP B 69 10.04 8.76 -28.93
CA ASP B 69 8.90 9.01 -28.07
C ASP B 69 8.84 7.97 -26.98
N TYR B 70 8.56 8.42 -25.76
CA TYR B 70 8.42 7.53 -24.61
C TYR B 70 7.05 7.68 -23.98
N ILE B 71 6.63 6.64 -23.26
CA ILE B 71 5.36 6.62 -22.57
C ILE B 71 5.58 6.16 -21.15
N LYS B 72 5.18 6.99 -20.18
CA LYS B 72 5.34 6.69 -18.75
C LYS B 72 4.25 7.42 -17.94
N ARG B 73 4.23 7.21 -16.63
CA ARG B 73 3.25 7.87 -15.78
C ARG B 73 3.86 9.13 -15.14
N ALA B 74 3.13 10.24 -15.16
CA ALA B 74 3.61 11.46 -14.51
C ALA B 74 3.40 11.35 -13.00
N VAL B 75 4.45 10.93 -12.32
CA VAL B 75 4.38 10.67 -10.90
C VAL B 75 4.84 11.89 -10.10
N GLY B 76 5.70 12.71 -10.70
CA GLY B 76 6.21 13.90 -10.05
C GLY B 76 5.90 15.17 -10.80
N LEU B 77 5.22 16.10 -10.14
CA LEU B 77 4.93 17.41 -10.72
C LEU B 77 5.97 18.43 -10.27
N PRO B 78 6.06 19.58 -10.97
CA PRO B 78 6.97 20.65 -10.53
C PRO B 78 6.79 20.97 -9.05
N GLY B 79 7.91 20.95 -8.32
CA GLY B 79 7.93 21.25 -6.90
C GLY B 79 7.66 20.08 -5.98
N ASP B 80 7.64 18.87 -6.53
CA ASP B 80 7.47 17.66 -5.72
C ASP B 80 8.80 17.13 -5.22
N LYS B 81 8.85 16.78 -3.95
CA LYS B 81 9.96 16.00 -3.40
C LYS B 81 9.62 14.51 -3.51
N VAL B 82 10.19 13.86 -4.52
CA VAL B 82 9.96 12.45 -4.77
C VAL B 82 11.06 11.62 -4.13
N THR B 83 10.66 10.63 -3.35
CA THR B 83 11.61 9.67 -2.78
C THR B 83 11.16 8.27 -3.13
N TYR B 84 12.09 7.46 -3.65
CA TYR B 84 11.78 6.10 -3.98
C TYR B 84 12.60 5.14 -3.13
N ASP B 85 11.92 4.31 -2.36
CA ASP B 85 12.56 3.28 -1.55
C ASP B 85 12.68 2.03 -2.42
N PRO B 86 13.91 1.67 -2.80
CA PRO B 86 14.18 0.54 -3.70
C PRO B 86 13.94 -0.82 -3.05
N VAL B 87 14.00 -0.86 -1.72
CA VAL B 87 13.75 -2.10 -1.00
C VAL B 87 12.26 -2.42 -1.01
N SER B 88 11.45 -1.48 -0.52
CA SER B 88 10.00 -1.67 -0.44
C SER B 88 9.30 -1.36 -1.75
N LYS B 89 10.02 -0.71 -2.66
CA LYS B 89 9.51 -0.35 -3.99
C LYS B 89 8.28 0.55 -3.93
N GLU B 90 8.34 1.53 -3.03
CA GLU B 90 7.26 2.47 -2.74
C GLU B 90 7.74 3.91 -2.84
N LEU B 91 6.84 4.79 -3.28
CA LEU B 91 7.14 6.22 -3.43
C LEU B 91 6.66 7.05 -2.24
N THR B 92 7.40 8.13 -1.98
CA THR B 92 6.99 9.15 -1.02
C THR B 92 7.02 10.49 -1.76
N ILE B 93 5.88 11.18 -1.79
CA ILE B 93 5.77 12.44 -2.50
C ILE B 93 5.31 13.58 -1.60
N GLN B 94 6.04 14.70 -1.66
CA GLN B 94 5.72 15.89 -0.89
C GLN B 94 5.62 17.08 -1.82
N PRO B 95 4.39 17.55 -2.09
CA PRO B 95 4.15 18.67 -3.01
C PRO B 95 4.52 20.03 -2.42
N GLY B 96 4.91 20.94 -3.30
CA GLY B 96 5.25 22.33 -2.92
C GLY B 96 6.47 22.47 -2.04
N CYS B 97 7.43 21.55 -2.19
CA CYS B 97 8.62 21.51 -1.36
C CYS B 97 9.81 22.15 -2.08
N ALA B 106 2.40 16.92 2.56
CA ALA B 106 2.69 15.53 2.09
C ALA B 106 1.51 14.88 1.38
N LEU B 107 1.79 14.27 0.23
CA LEU B 107 0.74 13.69 -0.61
C LEU B 107 0.32 12.32 -0.11
N PRO B 108 -0.99 12.10 0.06
CA PRO B 108 -1.48 10.78 0.45
C PRO B 108 -1.17 9.72 -0.62
N VAL B 109 -0.33 8.76 -0.26
CA VAL B 109 0.03 7.64 -1.14
C VAL B 109 -0.27 6.35 -0.41
N THR B 110 -1.00 5.46 -1.07
CA THR B 110 -1.35 4.18 -0.43
C THR B 110 -0.94 3.01 -1.31
N TYR B 111 -0.61 1.89 -0.67
CA TYR B 111 -0.28 0.63 -1.35
C TYR B 111 -1.11 -0.53 -0.82
N SER B 112 -1.59 -1.38 -1.73
CA SER B 112 -2.35 -2.57 -1.36
C SER B 112 -1.47 -3.81 -1.17
N ASN B 113 -2.05 -4.87 -0.63
CA ASN B 113 -1.39 -6.17 -0.50
C ASN B 113 -0.84 -6.68 -1.83
N VAL B 114 0.40 -7.15 -1.80
CA VAL B 114 1.06 -7.74 -2.97
C VAL B 114 0.41 -9.08 -3.25
N GLU B 115 0.10 -9.32 -4.53
CA GLU B 115 -0.52 -10.56 -5.00
CA GLU B 115 -0.49 -10.58 -4.98
C GLU B 115 0.13 -11.01 -6.31
N PRO B 116 0.08 -12.35 -6.60
CA PRO B 116 0.63 -12.80 -7.89
C PRO B 116 -0.11 -12.18 -9.07
N SER B 117 0.64 -11.76 -10.09
CA SER B 117 0.04 -11.16 -11.27
C SER B 117 -0.31 -12.22 -12.31
N ASP B 118 -0.83 -11.78 -13.45
CA ASP B 118 -1.14 -12.67 -14.56
C ASP B 118 0.08 -12.98 -15.42
N PHE B 119 1.21 -12.34 -15.14
CA PHE B 119 2.34 -12.41 -16.07
C PHE B 119 3.58 -13.14 -15.56
N VAL B 120 4.20 -13.87 -16.46
CA VAL B 120 5.48 -14.51 -16.23
C VAL B 120 6.49 -13.84 -17.14
N GLN B 121 7.60 -13.40 -16.57
CA GLN B 121 8.66 -12.78 -17.35
C GLN B 121 9.73 -13.80 -17.70
N THR B 122 10.04 -13.86 -18.99
CA THR B 122 11.05 -14.78 -19.49
C THR B 122 12.12 -14.01 -20.24
N PHE B 123 13.37 -14.31 -19.91
CA PHE B 123 14.49 -13.68 -20.58
CA PHE B 123 14.55 -13.71 -20.55
C PHE B 123 14.88 -14.49 -21.82
N SER B 124 15.30 -13.78 -22.87
CA SER B 124 15.76 -14.39 -24.12
C SER B 124 16.64 -13.40 -24.90
N ARG B 125 16.87 -13.70 -26.18
CA ARG B 125 17.78 -12.91 -27.00
C ARG B 125 17.25 -12.76 -28.42
N ARG B 126 17.31 -11.53 -28.94
CA ARG B 126 16.94 -11.25 -30.33
C ARG B 126 17.96 -11.88 -31.27
N ASN B 127 17.59 -12.03 -32.54
CA ASN B 127 18.49 -12.61 -33.56
C ASN B 127 19.86 -11.96 -33.53
N GLY B 128 19.87 -10.64 -33.34
CA GLY B 128 21.12 -9.84 -33.31
C GLY B 128 22.06 -10.19 -32.18
N GLY B 129 21.50 -10.69 -31.07
CA GLY B 129 22.29 -11.10 -29.91
C GLY B 129 21.96 -10.31 -28.65
N GLU B 130 21.05 -9.36 -28.78
CA GLU B 130 20.73 -8.43 -27.70
C GLU B 130 19.83 -9.06 -26.62
N ALA B 131 20.13 -8.75 -25.36
CA ALA B 131 19.32 -9.21 -24.24
C ALA B 131 17.92 -8.58 -24.28
N THR B 132 16.90 -9.42 -24.26
CA THR B 132 15.51 -8.97 -24.23
C THR B 132 14.69 -9.84 -23.26
N SER B 133 13.43 -9.47 -23.01
CA SER B 133 12.57 -10.28 -22.17
C SER B 133 11.16 -10.32 -22.71
N GLY B 134 10.49 -11.46 -22.50
CA GLY B 134 9.14 -11.66 -22.97
C GLY B 134 8.21 -11.81 -21.80
N PHE B 135 6.96 -11.36 -21.96
CA PHE B 135 5.97 -11.49 -20.92
C PHE B 135 4.84 -12.41 -21.38
N PHE B 136 4.47 -13.36 -20.53
CA PHE B 136 3.46 -14.32 -20.91
C PHE B 136 2.29 -14.28 -19.93
N GLU B 137 1.07 -14.31 -20.47
CA GLU B 137 -0.10 -14.35 -19.63
C GLU B 137 -0.33 -15.81 -19.22
N VAL B 138 0.14 -16.18 -18.03
CA VAL B 138 -0.04 -17.54 -17.52
C VAL B 138 -1.09 -17.55 -16.42
N PRO B 139 -2.13 -18.38 -16.55
CA PRO B 139 -3.13 -18.54 -15.51
C PRO B 139 -2.50 -18.69 -14.12
N LYS B 140 -3.15 -18.10 -13.12
CA LYS B 140 -2.59 -18.01 -11.76
C LYS B 140 -2.41 -19.37 -11.06
N ASN B 141 -3.22 -20.35 -11.42
CA ASN B 141 -3.10 -21.69 -10.83
C ASN B 141 -2.14 -22.61 -11.60
N GLU B 142 -1.47 -22.05 -12.61
CA GLU B 142 -0.48 -22.79 -13.39
C GLU B 142 0.92 -22.17 -13.23
N THR B 143 1.93 -22.84 -13.76
CA THR B 143 3.30 -22.36 -13.71
C THR B 143 3.98 -22.56 -15.05
N LYS B 144 4.63 -21.51 -15.56
CA LYS B 144 5.44 -21.64 -16.76
C LYS B 144 6.78 -22.22 -16.36
N GLU B 145 7.22 -23.23 -17.11
CA GLU B 145 8.46 -23.93 -16.80
CA GLU B 145 8.46 -23.94 -16.84
C GLU B 145 9.63 -22.98 -16.65
N ASN B 146 9.87 -22.14 -17.66
CA ASN B 146 10.98 -21.20 -17.63
C ASN B 146 10.52 -19.77 -17.54
N GLY B 147 10.83 -19.12 -16.43
CA GLY B 147 10.47 -17.72 -16.23
C GLY B 147 10.08 -17.41 -14.80
N ILE B 148 9.78 -16.14 -14.55
CA ILE B 148 9.47 -15.70 -13.21
C ILE B 148 8.12 -14.97 -13.13
N ARG B 149 7.29 -15.43 -12.21
CA ARG B 149 5.98 -14.85 -11.97
C ARG B 149 6.13 -13.49 -11.30
N LEU B 150 5.58 -12.47 -11.94
CA LEU B 150 5.64 -11.12 -11.43
C LEU B 150 4.55 -10.92 -10.38
N SER B 151 4.79 -9.97 -9.47
CA SER B 151 3.82 -9.60 -8.47
C SER B 151 3.10 -8.33 -8.90
N GLU B 152 1.92 -8.09 -8.32
CA GLU B 152 1.23 -6.81 -8.52
C GLU B 152 0.62 -6.27 -7.25
N ARG B 153 0.37 -4.97 -7.25
CA ARG B 153 -0.35 -4.29 -6.20
C ARG B 153 -0.91 -2.99 -6.79
N LYS B 154 -1.79 -2.34 -6.05
CA LYS B 154 -2.34 -1.08 -6.48
C LYS B 154 -1.61 0.07 -5.78
N GLU B 155 -1.18 1.05 -6.56
CA GLU B 155 -0.55 2.25 -6.05
C GLU B 155 -1.49 3.42 -6.30
N THR B 156 -1.87 4.09 -5.23
CA THR B 156 -2.70 5.27 -5.30
C THR B 156 -1.86 6.52 -5.07
N LEU B 157 -1.82 7.39 -6.08
CA LEU B 157 -1.15 8.67 -5.97
C LEU B 157 -2.21 9.74 -5.80
N GLY B 158 -2.41 10.15 -4.55
CA GLY B 158 -3.44 11.12 -4.20
C GLY B 158 -4.81 10.65 -4.61
N ASP B 159 -5.22 11.08 -5.79
CA ASP B 159 -6.60 10.93 -6.27
C ASP B 159 -6.79 9.73 -7.20
N VAL B 160 -5.68 9.22 -7.74
CA VAL B 160 -5.75 8.21 -8.79
C VAL B 160 -5.05 6.92 -8.39
N THR B 161 -5.66 5.80 -8.79
CA THR B 161 -5.17 4.48 -8.47
C THR B 161 -4.83 3.76 -9.77
N HIS B 162 -3.78 2.95 -9.73
CA HIS B 162 -3.37 2.18 -10.89
C HIS B 162 -2.55 1.02 -10.40
N ARG B 163 -2.34 0.03 -11.26
CA ARG B 163 -1.50 -1.11 -10.93
C ARG B 163 -0.02 -0.90 -11.29
N ILE B 164 0.83 -1.67 -10.59
CA ILE B 164 2.24 -1.79 -10.90
C ILE B 164 2.58 -3.27 -10.79
N LEU B 165 3.58 -3.70 -11.57
CA LEU B 165 4.20 -5.02 -11.40
C LEU B 165 5.59 -4.89 -10.76
N THR B 166 5.99 -5.93 -10.03
CA THR B 166 7.35 -6.01 -9.50
C THR B 166 7.91 -7.40 -9.75
N VAL B 167 9.22 -7.44 -10.00
CA VAL B 167 9.98 -8.68 -10.12
C VAL B 167 10.52 -8.98 -8.74
N PRO B 168 10.05 -10.10 -8.13
CA PRO B 168 10.44 -10.51 -6.77
C PRO B 168 11.94 -10.62 -6.55
N ILE B 169 12.68 -11.05 -7.58
CA ILE B 169 14.12 -11.23 -7.41
C ILE B 169 14.95 -10.00 -7.75
N ALA B 170 14.29 -8.92 -8.17
CA ALA B 170 15.01 -7.71 -8.59
C ALA B 170 14.99 -6.58 -7.56
N GLN B 171 15.99 -5.71 -7.64
CA GLN B 171 16.08 -4.51 -6.84
C GLN B 171 16.94 -3.49 -7.57
N ASP B 172 16.57 -2.21 -7.46
CA ASP B 172 17.26 -1.14 -8.16
C ASP B 172 18.67 -0.92 -7.63
N GLN B 173 19.61 -0.76 -8.54
CA GLN B 173 20.96 -0.39 -8.17
C GLN B 173 21.01 1.13 -8.03
N VAL B 174 20.83 1.59 -6.79
CA VAL B 174 20.71 3.00 -6.44
C VAL B 174 21.86 3.86 -7.00
N GLY B 175 23.02 3.23 -7.21
CA GLY B 175 24.18 3.92 -7.76
C GLY B 175 24.19 4.03 -9.28
N MET B 176 23.07 3.69 -9.92
CA MET B 176 22.92 3.87 -11.36
C MET B 176 21.91 4.97 -11.63
N TYR B 177 21.27 5.43 -10.56
CA TYR B 177 20.25 6.47 -10.65
C TYR B 177 20.84 7.77 -11.16
N TYR B 178 20.02 8.54 -11.87
CA TYR B 178 20.29 9.95 -12.06
C TYR B 178 20.29 10.57 -10.67
N GLN B 179 21.40 11.20 -10.32
CA GLN B 179 21.53 11.83 -9.03
C GLN B 179 21.52 13.34 -9.20
N GLN B 180 20.43 13.95 -8.72
CA GLN B 180 20.29 15.40 -8.78
C GLN B 180 21.31 16.07 -7.85
N PRO B 181 22.03 17.08 -8.36
CA PRO B 181 22.98 17.84 -7.56
C PRO B 181 22.33 18.43 -6.31
N GLY B 182 22.90 18.14 -5.14
CA GLY B 182 22.40 18.66 -3.87
C GLY B 182 21.44 17.74 -3.15
N GLN B 183 20.98 16.71 -3.86
CA GLN B 183 20.09 15.71 -3.29
C GLN B 183 20.82 14.39 -3.15
N GLN B 184 20.44 13.63 -2.12
CA GLN B 184 20.97 12.28 -1.92
C GLN B 184 20.38 11.31 -2.97
N LEU B 185 21.02 10.15 -3.10
CA LEU B 185 20.54 9.10 -4.00
C LEU B 185 19.10 8.70 -3.70
N ALA B 186 18.29 8.55 -4.76
CA ALA B 186 16.88 8.15 -4.65
C ALA B 186 15.92 9.23 -4.11
N THR B 187 16.40 10.46 -4.01
CA THR B 187 15.54 11.60 -3.70
C THR B 187 15.70 12.68 -4.76
N TRP B 188 14.58 13.20 -5.24
CA TRP B 188 14.59 14.25 -6.25
C TRP B 188 13.60 15.34 -5.91
N ILE B 189 13.97 16.57 -6.22
CA ILE B 189 13.07 17.69 -6.13
C ILE B 189 12.80 18.14 -7.55
N VAL B 190 11.59 17.86 -8.03
CA VAL B 190 11.23 18.13 -9.42
C VAL B 190 11.27 19.63 -9.68
N PRO B 191 12.17 20.07 -10.59
CA PRO B 191 12.32 21.50 -10.88
C PRO B 191 11.09 22.10 -11.59
N PRO B 192 10.96 23.44 -11.59
CA PRO B 192 9.86 24.13 -12.28
C PRO B 192 9.73 23.69 -13.74
N GLY B 193 8.50 23.57 -14.21
CA GLY B 193 8.23 23.17 -15.59
C GLY B 193 8.78 21.83 -16.02
N GLN B 194 9.11 20.97 -15.06
CA GLN B 194 9.65 19.63 -15.36
C GLN B 194 8.84 18.55 -14.64
N TYR B 195 9.02 17.29 -15.06
CA TYR B 195 8.22 16.18 -14.55
C TYR B 195 9.04 14.91 -14.27
N PHE B 196 8.63 14.16 -13.25
CA PHE B 196 9.26 12.88 -12.91
C PHE B 196 8.38 11.74 -13.42
N MET B 197 8.97 10.91 -14.27
CA MET B 197 8.27 9.83 -14.96
C MET B 197 8.70 8.45 -14.47
N MET B 198 7.73 7.57 -14.26
CA MET B 198 7.98 6.17 -13.91
C MET B 198 7.03 5.21 -14.61
N GLY B 199 7.57 4.09 -15.10
CA GLY B 199 6.74 3.06 -15.72
C GLY B 199 6.03 2.20 -14.71
N ASP B 200 4.89 1.64 -15.10
CA ASP B 200 4.09 0.80 -14.21
C ASP B 200 4.76 -0.54 -13.94
N ASN B 201 5.53 -1.02 -14.92
CA ASN B 201 6.34 -2.23 -14.75
C ASN B 201 7.67 -1.82 -14.12
N ARG B 202 7.62 -1.67 -12.79
CA ARG B 202 8.59 -0.92 -12.01
C ARG B 202 10.03 -1.39 -12.06
N ASP B 203 10.23 -2.68 -12.25
CA ASP B 203 11.57 -3.24 -12.41
C ASP B 203 11.97 -3.45 -13.87
N ASN B 204 11.09 -3.09 -14.80
CA ASN B 204 11.39 -3.22 -16.23
C ASN B 204 11.06 -1.93 -16.96
N SER B 205 11.63 -0.82 -16.47
CA SER B 205 11.31 0.50 -16.99
C SER B 205 12.45 1.48 -16.81
N ALA B 206 13.13 1.82 -17.90
CA ALA B 206 14.14 2.89 -17.87
C ALA B 206 13.42 4.25 -17.86
N ASP B 207 13.38 4.88 -16.70
CA ASP B 207 12.60 6.10 -16.53
C ASP B 207 13.36 7.21 -15.78
N SER B 208 12.64 8.18 -15.22
CA SER B 208 13.27 9.34 -14.59
C SER B 208 14.24 9.00 -13.45
N ARG B 209 14.06 7.83 -12.83
CA ARG B 209 15.01 7.32 -11.84
C ARG B 209 16.43 7.25 -12.42
N TYR B 210 16.52 6.87 -13.69
CA TYR B 210 17.81 6.64 -14.33
C TYR B 210 18.30 7.78 -15.20
N TRP B 211 17.40 8.55 -15.81
CA TRP B 211 17.83 9.59 -16.75
C TRP B 211 17.34 11.03 -16.52
N GLY B 212 16.78 11.28 -15.33
CA GLY B 212 16.38 12.63 -14.95
C GLY B 212 14.96 13.02 -15.32
N PHE B 213 14.70 14.32 -15.21
CA PHE B 213 13.36 14.89 -15.39
C PHE B 213 13.00 15.12 -16.84
N VAL B 214 11.71 15.29 -17.09
CA VAL B 214 11.19 15.62 -18.41
C VAL B 214 10.69 17.06 -18.44
N PRO B 215 11.26 17.88 -19.35
CA PRO B 215 10.85 19.27 -19.54
C PRO B 215 9.46 19.37 -20.16
N GLU B 216 8.67 20.35 -19.70
CA GLU B 216 7.36 20.68 -20.28
C GLU B 216 7.34 20.60 -21.82
N ALA B 217 8.37 21.17 -22.45
CA ALA B 217 8.45 21.26 -23.90
C ALA B 217 8.54 19.89 -24.59
N ASN B 218 8.91 18.87 -23.83
CA ASN B 218 9.07 17.54 -24.39
C ASN B 218 7.77 16.74 -24.45
N LEU B 219 6.74 17.19 -23.74
CA LEU B 219 5.47 16.48 -23.62
C LEU B 219 4.71 16.49 -24.95
N VAL B 220 4.27 15.32 -25.38
CA VAL B 220 3.47 15.19 -26.59
C VAL B 220 1.99 15.20 -26.24
N GLY B 221 1.59 14.35 -25.30
CA GLY B 221 0.19 14.25 -24.90
C GLY B 221 -0.14 13.15 -23.90
N ARG B 222 -1.43 13.04 -23.62
CA ARG B 222 -1.94 12.11 -22.61
C ARG B 222 -2.61 10.93 -23.30
N ALA B 223 -2.40 9.73 -22.76
CA ALA B 223 -3.03 8.53 -23.30
C ALA B 223 -4.48 8.45 -22.84
N THR B 224 -5.42 8.35 -23.78
CA THR B 224 -6.84 8.39 -23.45
C THR B 224 -7.56 7.06 -23.68
N ALA B 225 -7.05 6.25 -24.59
CA ALA B 225 -7.73 5.00 -24.99
C ALA B 225 -6.83 4.02 -25.73
N ILE B 226 -7.18 2.74 -25.63
CA ILE B 226 -6.66 1.69 -26.49
C ILE B 226 -7.66 1.51 -27.63
N TRP B 227 -7.24 1.86 -28.85
CA TRP B 227 -8.16 1.71 -29.97
CA TRP B 227 -8.02 1.77 -30.08
C TRP B 227 -8.07 0.33 -30.61
N MET B 228 -6.95 -0.35 -30.42
CA MET B 228 -6.70 -1.64 -31.02
C MET B 228 -5.63 -2.35 -30.20
N SER B 229 -5.66 -3.68 -30.20
CA SER B 229 -4.71 -4.45 -29.42
C SER B 229 -4.42 -5.81 -30.05
N PHE B 230 -3.13 -6.14 -30.18
CA PHE B 230 -2.72 -7.41 -30.77
C PHE B 230 -1.99 -8.26 -29.75
N ASP B 231 -2.23 -9.57 -29.80
CA ASP B 231 -1.48 -10.53 -29.01
C ASP B 231 -0.12 -10.69 -29.69
N LYS B 232 0.92 -10.21 -29.03
CA LYS B 232 2.22 -10.03 -29.66
C LYS B 232 3.38 -10.18 -28.67
N GLN B 233 4.51 -10.66 -29.17
CA GLN B 233 5.79 -10.61 -28.42
C GLN B 233 6.71 -9.58 -29.05
N GLU B 234 7.76 -9.19 -28.34
CA GLU B 234 8.59 -8.01 -28.66
C GLU B 234 9.20 -7.93 -30.08
N GLY B 235 9.30 -9.07 -30.77
CA GLY B 235 9.95 -9.06 -32.07
C GLY B 235 9.24 -9.81 -33.19
N GLU B 236 8.19 -10.55 -32.83
CA GLU B 236 7.48 -11.39 -33.78
C GLU B 236 6.13 -10.78 -34.13
N TRP B 237 5.55 -11.22 -35.24
CA TRP B 237 4.26 -10.74 -35.72
C TRP B 237 3.14 -11.08 -34.72
N PRO B 238 2.01 -10.34 -34.78
CA PRO B 238 0.84 -10.64 -33.93
C PRO B 238 0.31 -12.07 -34.06
N THR B 239 0.20 -12.75 -32.92
CA THR B 239 -0.35 -14.10 -32.86
C THR B 239 -1.89 -14.06 -32.94
N GLY B 240 -2.49 -13.09 -32.24
CA GLY B 240 -3.94 -12.92 -32.26
C GLY B 240 -4.39 -11.51 -31.91
N LEU B 241 -5.70 -11.34 -31.74
CA LEU B 241 -6.28 -10.05 -31.35
C LEU B 241 -6.65 -10.05 -29.87
N ARG B 242 -6.72 -8.86 -29.28
CA ARG B 242 -7.15 -8.72 -27.88
C ARG B 242 -8.25 -7.66 -27.77
N LEU B 243 -9.41 -7.95 -28.36
CA LEU B 243 -10.52 -7.01 -28.44
C LEU B 243 -11.07 -6.57 -27.09
N SER B 244 -10.88 -7.41 -26.07
CA SER B 244 -11.31 -7.11 -24.71
C SER B 244 -10.63 -5.87 -24.15
N ARG B 245 -9.53 -5.49 -24.77
CA ARG B 245 -8.68 -4.42 -24.26
C ARG B 245 -9.10 -3.06 -24.81
N ILE B 246 -9.72 -3.08 -25.98
CA ILE B 246 -10.21 -1.87 -26.61
C ILE B 246 -11.18 -1.17 -25.68
N GLY B 247 -10.98 0.13 -25.50
CA GLY B 247 -11.80 0.94 -24.61
C GLY B 247 -10.94 1.87 -23.79
N GLY B 248 -11.35 2.10 -22.55
CA GLY B 248 -10.59 2.95 -21.63
C GLY B 248 -9.31 2.32 -21.14
N ILE B 249 -8.40 3.16 -20.66
CA ILE B 249 -7.18 2.72 -20.00
C ILE B 249 -7.33 2.90 -18.50
N HIS B 250 -7.19 1.80 -17.75
CA HIS B 250 -7.26 1.84 -16.29
C HIS B 250 -6.25 0.89 -15.68
N GLY C 3 3.47 5.24 -34.74
CA GLY C 3 4.84 5.25 -34.22
C GLY C 3 4.88 4.61 -32.83
N ALA C 5 6.24 4.16 -28.77
CA ALA C 5 6.44 4.91 -27.53
C ALA C 5 7.06 3.92 -26.58
N TYR C 6 8.32 4.13 -26.22
CA TYR C 6 9.01 3.17 -25.34
C TYR C 6 8.55 3.44 -23.91
N GLY D 3 -16.71 0.59 34.46
CA GLY D 3 -15.58 -0.35 34.56
C GLY D 3 -14.45 0.02 33.56
N ALA D 5 -11.44 -0.95 30.59
CA ALA D 5 -11.16 -1.84 29.45
C ALA D 5 -9.69 -1.55 29.06
N TYR D 6 -8.83 -2.55 29.26
CA TYR D 6 -7.38 -2.41 28.97
C TYR D 6 -7.12 -2.63 27.48
#